data_3AYS
#
_entry.id   3AYS
#
_cell.length_a   82.204
_cell.length_b   82.204
_cell.length_c   221.856
_cell.angle_alpha   90.00
_cell.angle_beta   90.00
_cell.angle_gamma   120.00
#
_symmetry.space_group_name_H-M   'P 61 2 2'
#
loop_
_entity.id
_entity.type
_entity.pdbx_description
1 polymer Endoglucanase
2 branched beta-D-glucopyranose-(1-4)-beta-D-glucopyranose-(1-4)-beta-D-glucopyranose
3 water water
#
_entity_poly.entity_id   1
_entity_poly.type   'polypeptide(L)'
_entity_poly.pdbx_seq_one_letter_code
;MAHHHHHHVDDDDKIRDISSKELIKEMNFGWNLGNTMDAQCIEYLNYEKDQTASETCWGNPKTTEDMFKVLIDNQFNVFR
IPTTWSGHFGEAPDYKIDEKWLKRVHEVVDYPYKNGAFVILNLHHETWNHAFSETLDTAKEILEKIWSQIAEEFKDYDEH
LIFEGLNAPRKNDTPVEWTGGDQEGWDAVNAMNAVFLKTVRSAGGNNPKRHLMIPPYAAACNENSFNNFIFPEDDDKVIA
SVHAYAPYNFALNNGEGAVDKFDAAGKRDLEWNINLMKKRFVDQGIPMILGEYGAMNRDNEEDRATWAEFYMEKVTAMGV
PQIWWDNGVFEGTGERFGLLDRKNLKIVYPTIVAALQKGRGLEVNVVHAIEKETEE
;
_entity_poly.pdbx_strand_id   A
#
# COMPACT_ATOMS: atom_id res chain seq x y z
N ILE A 15 -13.95 -19.26 0.22
CA ILE A 15 -12.73 -18.74 0.90
C ILE A 15 -11.92 -19.84 1.58
N ARG A 16 -10.63 -19.92 1.28
CA ARG A 16 -9.76 -20.85 1.98
C ARG A 16 -9.54 -20.39 3.42
N ASP A 17 -9.50 -21.33 4.36
CA ASP A 17 -9.28 -21.03 5.76
C ASP A 17 -7.80 -21.30 6.07
N ILE A 18 -7.00 -20.37 5.58
CA ILE A 18 -5.54 -20.46 5.52
C ILE A 18 -4.98 -19.31 6.37
N SER A 19 -3.83 -19.51 6.99
CA SER A 19 -3.17 -18.43 7.66
C SER A 19 -2.52 -17.42 6.68
N SER A 20 -2.36 -16.19 7.16
CA SER A 20 -1.76 -15.11 6.42
C SER A 20 -0.37 -15.53 6.02
N LYS A 21 0.32 -16.19 6.95
CA LYS A 21 1.67 -16.62 6.71
C LYS A 21 1.82 -17.67 5.61
N GLU A 22 0.95 -18.66 5.60
CA GLU A 22 0.76 -19.56 4.44
C GLU A 22 0.37 -18.88 3.16
N LEU A 23 -0.73 -18.14 3.18
CA LEU A 23 -1.16 -17.40 1.99
C LEU A 23 -0.10 -16.50 1.33
N ILE A 24 0.69 -15.81 2.16
CA ILE A 24 1.75 -14.90 1.71
C ILE A 24 2.75 -15.61 0.80
N LYS A 25 2.88 -16.93 0.98
CA LYS A 25 3.78 -17.73 0.17
C LYS A 25 3.39 -17.75 -1.30
N GLU A 26 2.12 -17.52 -1.59
CA GLU A 26 1.68 -17.34 -2.97
C GLU A 26 2.06 -15.97 -3.62
N MET A 27 2.59 -15.03 -2.82
CA MET A 27 2.84 -13.68 -3.33
C MET A 27 4.20 -13.55 -3.99
N ASN A 28 4.20 -13.15 -5.25
CA ASN A 28 5.50 -12.91 -5.84
C ASN A 28 6.00 -11.54 -5.38
N PHE A 29 5.49 -10.49 -6.02
CA PHE A 29 5.79 -9.11 -5.64
C PHE A 29 4.67 -8.29 -6.23
N GLY A 30 4.54 -7.03 -5.84
CA GLY A 30 3.30 -6.38 -6.09
C GLY A 30 3.49 -5.01 -6.73
N TRP A 31 2.37 -4.38 -7.05
CA TRP A 31 2.42 -3.08 -7.70
C TRP A 31 1.26 -2.28 -7.19
N ASN A 32 1.50 -0.99 -6.95
CA ASN A 32 0.45 -0.09 -6.45
C ASN A 32 -0.13 0.73 -7.59
N LEU A 33 -1.45 0.83 -7.64
CA LEU A 33 -2.09 1.75 -8.57
C LEU A 33 -2.09 3.16 -7.98
N GLY A 34 -0.91 3.79 -7.94
CA GLY A 34 -0.81 4.98 -7.08
C GLY A 34 -1.31 6.22 -7.77
N ASN A 35 -1.62 7.26 -6.99
CA ASN A 35 -2.09 8.53 -7.56
C ASN A 35 -3.33 8.36 -8.49
N THR A 36 -4.24 7.47 -8.08
CA THR A 36 -5.40 7.08 -8.91
C THR A 36 -6.68 7.11 -8.04
N MET A 37 -7.09 5.97 -7.45
CA MET A 37 -8.28 6.01 -6.58
C MET A 37 -7.94 6.69 -5.25
N ASP A 38 -6.64 6.88 -4.98
CA ASP A 38 -6.17 7.64 -3.82
C ASP A 38 -6.09 9.16 -4.13
N ALA A 39 -6.16 9.57 -5.38
CA ALA A 39 -5.99 11.01 -5.73
C ALA A 39 -7.08 11.79 -5.04
N GLN A 40 -6.70 12.79 -4.28
CA GLN A 40 -7.66 13.51 -3.45
C GLN A 40 -7.76 14.94 -4.05
N CYS A 41 -8.86 15.29 -4.74
CA CYS A 41 -8.97 16.65 -5.30
C CYS A 41 -10.33 17.18 -4.89
N ILE A 42 -10.67 16.97 -3.62
CA ILE A 42 -11.95 17.40 -3.11
C ILE A 42 -12.21 18.87 -3.39
N GLU A 43 -11.19 19.69 -3.19
CA GLU A 43 -11.33 21.13 -3.40
C GLU A 43 -11.40 21.52 -4.89
N TYR A 44 -10.50 20.98 -5.70
CA TYR A 44 -10.41 21.32 -7.12
C TYR A 44 -11.63 20.86 -7.96
N LEU A 45 -12.07 19.60 -7.74
CA LEU A 45 -13.23 19.05 -8.42
C LEU A 45 -14.56 19.36 -7.68
N ASN A 46 -15.62 18.67 -8.09
CA ASN A 46 -16.89 18.81 -7.41
C ASN A 46 -17.52 17.43 -7.36
N TYR A 47 -17.21 16.68 -6.30
CA TYR A 47 -17.51 15.24 -6.29
C TYR A 47 -19.01 15.01 -6.49
N GLU A 48 -19.80 15.87 -5.86
CA GLU A 48 -21.27 15.87 -6.04
C GLU A 48 -21.68 15.72 -7.50
N LYS A 49 -20.99 16.45 -8.37
CA LYS A 49 -21.27 16.47 -9.81
C LYS A 49 -20.68 15.31 -10.61
N ASP A 50 -19.66 14.64 -10.04
CA ASP A 50 -18.97 13.57 -10.74
C ASP A 50 -18.21 12.83 -9.67
N GLN A 51 -18.77 11.75 -9.18
CA GLN A 51 -18.25 11.07 -8.00
C GLN A 51 -17.09 10.13 -8.29
N THR A 52 -16.72 9.99 -9.57
CA THR A 52 -15.62 9.15 -9.96
C THR A 52 -14.53 9.92 -10.70
N ALA A 53 -14.70 11.22 -10.91
CA ALA A 53 -13.71 11.96 -11.68
C ALA A 53 -12.34 12.01 -10.99
N SER A 54 -12.35 11.89 -9.66
CA SER A 54 -11.10 11.95 -8.89
C SER A 54 -10.02 10.91 -9.36
N GLU A 55 -10.47 9.77 -9.91
CA GLU A 55 -9.55 8.74 -10.35
C GLU A 55 -8.47 9.28 -11.28
N THR A 56 -8.83 10.22 -12.15
CA THR A 56 -7.88 10.72 -13.11
C THR A 56 -7.42 12.12 -12.78
N CYS A 57 -7.80 12.66 -11.61
CA CYS A 57 -7.39 14.02 -11.26
C CYS A 57 -5.88 14.26 -11.04
N TRP A 58 -5.11 13.21 -10.79
CA TRP A 58 -3.67 13.38 -10.66
C TRP A 58 -2.95 12.93 -11.90
N GLY A 59 -3.64 12.93 -13.03
CA GLY A 59 -2.95 12.82 -14.32
C GLY A 59 -2.78 11.38 -14.81
N ASN A 60 -3.30 10.39 -14.08
CA ASN A 60 -3.27 9.04 -14.57
C ASN A 60 -4.53 8.76 -15.40
N PRO A 61 -4.42 7.87 -16.42
CA PRO A 61 -5.54 7.56 -17.29
C PRO A 61 -6.52 6.76 -16.44
N LYS A 62 -7.78 6.68 -16.88
CA LYS A 62 -8.72 5.83 -16.18
C LYS A 62 -8.21 4.40 -16.24
N THR A 63 -8.25 3.69 -15.12
CA THR A 63 -7.67 2.36 -15.04
C THR A 63 -8.41 1.30 -15.94
N THR A 64 -7.64 0.46 -16.63
CA THR A 64 -8.17 -0.63 -17.47
C THR A 64 -7.58 -1.99 -16.99
N GLU A 65 -8.31 -3.04 -17.32
CA GLU A 65 -7.84 -4.38 -17.02
C GLU A 65 -6.50 -4.61 -17.72
N ASP A 66 -6.31 -4.09 -18.94
CA ASP A 66 -5.08 -4.29 -19.70
C ASP A 66 -3.81 -3.76 -19.01
N MET A 67 -3.95 -2.76 -18.11
CA MET A 67 -2.79 -2.30 -17.30
C MET A 67 -2.38 -3.44 -16.38
N PHE A 68 -3.34 -4.07 -15.69
CA PHE A 68 -2.96 -5.24 -14.85
C PHE A 68 -2.39 -6.44 -15.57
N LYS A 69 -2.99 -6.74 -16.71
CA LYS A 69 -2.53 -7.87 -17.51
C LYS A 69 -1.06 -7.74 -17.99
N VAL A 70 -0.67 -6.52 -18.42
CA VAL A 70 0.75 -6.27 -18.69
C VAL A 70 1.65 -6.59 -17.48
N LEU A 71 1.19 -6.31 -16.27
CA LEU A 71 2.01 -6.50 -15.07
C LEU A 71 1.99 -7.97 -14.68
N ILE A 72 0.81 -8.60 -14.84
CA ILE A 72 0.72 -10.03 -14.57
C ILE A 72 1.62 -10.78 -15.56
N ASP A 73 1.71 -10.32 -16.82
CA ASP A 73 2.65 -10.92 -17.75
C ASP A 73 4.09 -10.88 -17.23
N ASN A 74 4.35 -9.97 -16.29
CA ASN A 74 5.68 -9.78 -15.69
C ASN A 74 5.82 -10.41 -14.35
N GLN A 75 4.82 -11.23 -14.02
CA GLN A 75 4.79 -12.04 -12.79
C GLN A 75 4.41 -11.28 -11.50
N PHE A 76 4.05 -10.01 -11.65
CA PHE A 76 3.48 -9.30 -10.52
C PHE A 76 2.18 -10.01 -10.21
N ASN A 77 1.92 -10.43 -8.95
CA ASN A 77 0.61 -11.00 -8.62
C ASN A 77 -0.08 -10.47 -7.39
N VAL A 78 0.38 -9.34 -6.87
CA VAL A 78 -0.30 -8.65 -5.77
C VAL A 78 -0.50 -7.20 -6.24
N PHE A 79 -1.72 -6.69 -6.15
CA PHE A 79 -2.02 -5.36 -6.61
C PHE A 79 -2.67 -4.59 -5.48
N ARG A 80 -2.03 -3.51 -5.03
CA ARG A 80 -2.66 -2.64 -4.02
C ARG A 80 -3.36 -1.49 -4.73
N ILE A 81 -4.59 -1.20 -4.30
CA ILE A 81 -5.43 -0.19 -4.93
C ILE A 81 -5.61 0.78 -3.78
N PRO A 82 -4.68 1.73 -3.62
CA PRO A 82 -4.87 2.75 -2.61
C PRO A 82 -6.09 3.59 -2.98
N THR A 83 -6.97 3.74 -1.99
CA THR A 83 -8.25 4.34 -2.29
C THR A 83 -8.52 5.40 -1.25
N THR A 84 -8.77 6.64 -1.71
CA THR A 84 -9.18 7.67 -0.78
C THR A 84 -10.69 7.80 -0.85
N TRP A 85 -11.33 7.55 0.29
CA TRP A 85 -12.77 7.57 0.41
C TRP A 85 -13.23 8.98 0.71
N SER A 86 -12.40 9.83 1.35
CA SER A 86 -12.87 11.16 1.73
C SER A 86 -13.38 11.89 0.53
N GLY A 87 -14.50 12.57 0.72
CA GLY A 87 -15.10 13.36 -0.33
C GLY A 87 -16.21 12.58 -1.00
N HIS A 88 -16.12 11.24 -0.93
CA HIS A 88 -17.13 10.37 -1.57
C HIS A 88 -18.17 9.75 -0.61
N PHE A 89 -18.30 10.22 0.63
CA PHE A 89 -19.32 9.65 1.48
C PHE A 89 -20.07 10.73 2.17
N GLY A 90 -21.27 10.42 2.64
CA GLY A 90 -22.14 11.44 3.21
C GLY A 90 -21.83 11.71 4.67
N GLU A 91 -22.80 12.31 5.33
CA GLU A 91 -22.63 12.68 6.72
C GLU A 91 -23.02 11.65 7.72
N ALA A 92 -22.73 12.03 8.97
CA ALA A 92 -23.17 11.35 10.16
C ALA A 92 -24.71 11.26 10.13
N PRO A 93 -25.28 10.13 10.54
CA PRO A 93 -24.52 9.11 11.28
C PRO A 93 -24.09 7.91 10.44
N ASP A 94 -24.57 7.86 9.20
CA ASP A 94 -24.38 6.70 8.34
C ASP A 94 -23.11 6.75 7.49
N TYR A 95 -22.66 7.95 7.12
CA TYR A 95 -21.45 8.09 6.32
C TYR A 95 -21.56 7.18 5.10
N LYS A 96 -22.73 7.24 4.46
CA LYS A 96 -23.03 6.41 3.30
C LYS A 96 -22.10 6.73 2.13
N ILE A 97 -21.45 5.69 1.64
CA ILE A 97 -20.48 5.85 0.59
C ILE A 97 -21.24 6.04 -0.68
N ASP A 98 -20.89 7.08 -1.44
CA ASP A 98 -21.58 7.21 -2.72
C ASP A 98 -21.50 5.96 -3.62
N GLU A 99 -22.66 5.52 -4.09
CA GLU A 99 -22.81 4.33 -4.92
C GLU A 99 -22.01 4.31 -6.21
N LYS A 100 -21.87 5.43 -6.92
CA LYS A 100 -21.08 5.43 -8.14
C LYS A 100 -19.61 5.22 -7.80
N TRP A 101 -19.15 5.84 -6.71
CA TRP A 101 -17.78 5.65 -6.31
C TRP A 101 -17.55 4.22 -5.91
N LEU A 102 -18.43 3.65 -5.08
CA LEU A 102 -18.28 2.25 -4.61
C LEU A 102 -18.28 1.29 -5.81
N LYS A 103 -19.13 1.58 -6.80
CA LYS A 103 -19.19 0.73 -7.97
C LYS A 103 -17.87 0.79 -8.75
N ARG A 104 -17.32 1.97 -8.96
CA ARG A 104 -16.04 2.09 -9.68
C ARG A 104 -14.87 1.47 -8.90
N VAL A 105 -14.79 1.69 -7.61
CA VAL A 105 -13.80 0.96 -6.81
C VAL A 105 -13.92 -0.56 -7.04
N HIS A 106 -15.14 -1.05 -6.94
CA HIS A 106 -15.43 -2.45 -7.28
C HIS A 106 -14.87 -2.87 -8.69
N GLU A 107 -15.11 -2.06 -9.70
CA GLU A 107 -14.62 -2.39 -11.02
C GLU A 107 -13.09 -2.51 -11.04
N VAL A 108 -12.44 -1.58 -10.36
CA VAL A 108 -11.02 -1.48 -10.40
C VAL A 108 -10.52 -2.71 -9.61
N VAL A 109 -11.13 -3.05 -8.47
CA VAL A 109 -10.71 -4.24 -7.75
C VAL A 109 -10.77 -5.52 -8.63
N ASP A 110 -11.83 -5.62 -9.44
CA ASP A 110 -12.06 -6.82 -10.21
C ASP A 110 -11.05 -7.00 -11.32
N TYR A 111 -10.38 -5.91 -11.73
CA TYR A 111 -9.37 -6.05 -12.75
C TYR A 111 -8.32 -7.07 -12.32
N PRO A 112 -7.62 -6.80 -11.20
CA PRO A 112 -6.73 -7.88 -10.83
C PRO A 112 -7.45 -9.09 -10.29
N TYR A 113 -8.50 -8.87 -9.50
CA TYR A 113 -9.09 -10.00 -8.77
C TYR A 113 -9.56 -11.13 -9.70
N LYS A 114 -10.26 -10.74 -10.76
CA LYS A 114 -10.83 -11.71 -11.71
C LYS A 114 -9.72 -12.40 -12.48
N ASN A 115 -8.52 -11.82 -12.50
CA ASN A 115 -7.44 -12.48 -13.20
C ASN A 115 -6.60 -13.36 -12.28
N GLY A 116 -7.12 -13.64 -11.09
CA GLY A 116 -6.47 -14.61 -10.17
C GLY A 116 -5.37 -14.06 -9.26
N ALA A 117 -5.24 -12.76 -9.19
CA ALA A 117 -4.21 -12.14 -8.35
C ALA A 117 -4.79 -11.68 -7.01
N PHE A 118 -3.84 -11.31 -6.13
CA PHE A 118 -4.12 -10.67 -4.85
C PHE A 118 -4.39 -9.19 -5.04
N VAL A 119 -5.31 -8.64 -4.26
CA VAL A 119 -5.66 -7.26 -4.36
C VAL A 119 -5.71 -6.78 -2.92
N ILE A 120 -5.13 -5.60 -2.66
CA ILE A 120 -5.28 -4.93 -1.38
C ILE A 120 -6.08 -3.64 -1.63
N LEU A 121 -7.18 -3.50 -0.88
CA LEU A 121 -7.97 -2.28 -0.87
C LEU A 121 -7.82 -1.61 0.48
N ASN A 122 -7.62 -0.29 0.51
CA ASN A 122 -7.36 0.35 1.82
C ASN A 122 -8.22 1.60 1.98
N LEU A 123 -7.98 2.34 3.08
CA LEU A 123 -8.38 3.76 3.23
C LEU A 123 -7.07 4.57 3.16
N HIS A 124 -6.95 5.58 2.28
CA HIS A 124 -5.63 6.13 1.95
C HIS A 124 -5.43 7.53 2.49
N HIS A 125 -5.58 8.55 1.63
CA HIS A 125 -5.34 9.96 2.03
C HIS A 125 -6.60 10.55 2.70
N GLU A 126 -7.06 9.91 3.78
CA GLU A 126 -8.25 10.36 4.49
C GLU A 126 -7.97 11.59 5.36
N THR A 127 -8.97 12.47 5.38
CA THR A 127 -8.87 13.73 6.08
C THR A 127 -9.28 13.63 7.55
N TRP A 128 -9.89 12.49 7.88
CA TRP A 128 -10.65 12.30 9.11
C TRP A 128 -10.06 11.27 10.07
N ASN A 129 -8.95 10.62 9.71
CA ASN A 129 -8.43 9.51 10.54
C ASN A 129 -7.02 9.80 11.02
N HIS A 130 -6.70 11.08 11.19
CA HIS A 130 -5.40 11.46 11.70
C HIS A 130 -5.29 11.07 13.14
N ALA A 131 -4.05 10.77 13.55
CA ALA A 131 -3.78 10.16 14.85
C ALA A 131 -3.78 11.16 16.02
N PHE A 132 -4.86 11.93 16.16
CA PHE A 132 -4.97 12.93 17.23
C PHE A 132 -6.11 12.52 18.13
N SER A 133 -5.98 12.75 19.43
CA SER A 133 -6.98 12.29 20.36
C SER A 133 -8.25 13.19 20.35
N GLU A 134 -8.11 14.48 20.07
CA GLU A 134 -9.26 15.35 19.86
C GLU A 134 -10.24 14.83 18.80
N THR A 135 -9.77 14.14 17.77
CA THR A 135 -10.69 13.71 16.68
C THR A 135 -10.95 12.20 16.70
N LEU A 136 -10.45 11.49 17.69
CA LEU A 136 -10.39 10.04 17.64
C LEU A 136 -11.76 9.33 17.75
N ASP A 137 -12.61 9.83 18.65
CA ASP A 137 -13.93 9.23 18.83
C ASP A 137 -14.67 9.25 17.50
N THR A 138 -14.69 10.44 16.89
CA THR A 138 -15.30 10.56 15.60
C THR A 138 -14.64 9.67 14.56
N ALA A 139 -13.33 9.57 14.57
CA ALA A 139 -12.64 8.79 13.58
C ALA A 139 -13.02 7.33 13.73
N LYS A 140 -13.12 6.84 14.96
CA LYS A 140 -13.55 5.44 15.20
C LYS A 140 -14.93 5.17 14.60
N GLU A 141 -15.82 6.16 14.76
CA GLU A 141 -17.20 6.06 14.32
C GLU A 141 -17.18 5.94 12.80
N ILE A 142 -16.46 6.86 12.14
CA ILE A 142 -16.40 6.87 10.68
C ILE A 142 -15.81 5.56 10.21
N LEU A 143 -14.80 5.08 10.93
CA LEU A 143 -14.03 3.93 10.50
C LEU A 143 -14.94 2.72 10.53
N GLU A 144 -15.70 2.58 11.63
CA GLU A 144 -16.69 1.48 11.74
C GLU A 144 -17.70 1.53 10.60
N LYS A 145 -18.19 2.73 10.27
CA LYS A 145 -19.25 2.85 9.28
C LYS A 145 -18.71 2.59 7.89
N ILE A 146 -17.52 3.13 7.63
CA ILE A 146 -16.91 2.97 6.31
C ILE A 146 -16.52 1.51 6.05
N TRP A 147 -15.79 0.88 6.98
CA TRP A 147 -15.42 -0.53 6.80
C TRP A 147 -16.62 -1.51 6.77
N SER A 148 -17.69 -1.22 7.52
CA SER A 148 -18.92 -2.07 7.38
C SER A 148 -19.44 -2.10 5.95
N GLN A 149 -19.47 -0.92 5.32
CA GLN A 149 -20.05 -0.79 4.00
C GLN A 149 -19.19 -1.54 3.03
N ILE A 150 -17.88 -1.32 3.18
CA ILE A 150 -16.90 -1.92 2.27
C ILE A 150 -16.93 -3.43 2.45
N ALA A 151 -16.95 -3.91 3.68
CA ALA A 151 -16.90 -5.35 3.94
C ALA A 151 -18.15 -6.03 3.36
N GLU A 152 -19.25 -5.29 3.36
CA GLU A 152 -20.51 -5.82 2.84
C GLU A 152 -20.52 -5.92 1.35
N GLU A 153 -20.12 -4.86 0.69
CA GLU A 153 -19.88 -4.83 -0.75
C GLU A 153 -19.00 -5.96 -1.29
N PHE A 154 -18.00 -6.40 -0.54
CA PHE A 154 -17.04 -7.39 -1.04
C PHE A 154 -17.11 -8.72 -0.25
N LYS A 155 -18.21 -8.96 0.48
CA LYS A 155 -18.27 -10.05 1.50
C LYS A 155 -18.05 -11.46 0.99
N ASP A 156 -18.38 -11.71 -0.28
CA ASP A 156 -18.23 -13.00 -0.95
C ASP A 156 -16.93 -13.15 -1.76
N TYR A 157 -16.07 -12.13 -1.73
CA TYR A 157 -14.77 -12.22 -2.39
C TYR A 157 -13.95 -13.22 -1.59
N ASP A 158 -13.11 -14.01 -2.26
CA ASP A 158 -12.31 -15.01 -1.56
C ASP A 158 -11.09 -14.40 -0.86
N GLU A 159 -10.15 -15.25 -0.44
CA GLU A 159 -8.90 -14.85 0.27
C GLU A 159 -7.96 -13.93 -0.52
N HIS A 160 -8.16 -13.85 -1.84
CA HIS A 160 -7.26 -13.03 -2.64
C HIS A 160 -7.50 -11.55 -2.40
N LEU A 161 -8.70 -11.21 -1.89
CA LEU A 161 -8.98 -9.81 -1.58
C LEU A 161 -8.69 -9.55 -0.10
N ILE A 162 -7.75 -8.64 0.13
CA ILE A 162 -7.22 -8.29 1.45
C ILE A 162 -7.64 -6.86 1.83
N PHE A 163 -7.98 -6.64 3.10
CA PHE A 163 -8.31 -5.27 3.49
C PHE A 163 -7.15 -4.68 4.28
N GLU A 164 -6.75 -3.46 3.93
CA GLU A 164 -5.70 -2.79 4.75
C GLU A 164 -6.40 -1.65 5.41
N GLY A 165 -6.42 -1.66 6.72
CA GLY A 165 -7.40 -0.80 7.37
C GLY A 165 -7.15 0.68 7.29
N LEU A 166 -5.89 1.09 7.39
CA LEU A 166 -5.51 2.52 7.36
C LEU A 166 -4.18 2.52 6.64
N ASN A 167 -3.80 3.65 6.06
CA ASN A 167 -2.59 3.67 5.23
C ASN A 167 -1.39 4.02 6.09
N ALA A 168 -1.25 5.31 6.42
CA ALA A 168 -0.10 5.84 7.16
C ALA A 168 -0.61 6.85 8.21
N PRO A 169 -1.49 6.40 9.13
CA PRO A 169 -2.13 7.31 10.09
C PRO A 169 -1.07 7.94 10.99
N ARG A 170 -1.16 9.24 11.21
CA ARG A 170 -0.03 9.93 11.83
C ARG A 170 -0.52 11.32 12.25
N LYS A 171 0.32 12.06 12.95
CA LYS A 171 -0.01 13.42 13.29
C LYS A 171 0.46 14.40 12.23
N ASN A 172 -0.32 14.42 11.15
CA ASN A 172 -0.12 15.29 9.99
C ASN A 172 0.27 16.67 10.45
N ASP A 173 1.33 17.23 9.82
CA ASP A 173 1.73 18.63 10.00
C ASP A 173 2.26 19.06 11.38
N THR A 174 2.77 18.10 12.14
CA THR A 174 3.46 18.37 13.38
C THR A 174 4.89 17.88 13.18
N PRO A 175 5.81 18.28 14.10
CA PRO A 175 7.17 17.69 14.05
C PRO A 175 7.32 16.17 14.12
N VAL A 176 6.32 15.45 14.65
CA VAL A 176 6.49 14.02 14.86
C VAL A 176 5.69 13.22 13.83
N GLU A 177 5.26 13.92 12.79
CA GLU A 177 4.43 13.33 11.73
C GLU A 177 5.22 12.14 11.17
N TRP A 178 6.51 12.36 10.93
CA TRP A 178 7.30 11.42 10.17
C TRP A 178 8.42 10.73 10.94
N THR A 179 8.66 11.14 12.18
CA THR A 179 9.79 10.66 12.95
C THR A 179 9.35 9.49 13.83
N GLY A 180 8.10 9.11 13.69
CA GLY A 180 7.61 7.92 14.31
C GLY A 180 6.65 8.21 15.43
N GLY A 181 6.24 9.46 15.61
CA GLY A 181 5.13 9.76 16.50
C GLY A 181 5.45 10.00 17.97
N ASP A 182 4.39 9.98 18.77
CA ASP A 182 4.50 10.21 20.21
C ASP A 182 3.34 9.41 20.78
N GLN A 183 3.17 9.47 22.08
CA GLN A 183 2.24 8.60 22.77
C GLN A 183 0.82 8.84 22.25
N GLU A 184 0.46 10.11 22.10
CA GLU A 184 -0.88 10.45 21.62
C GLU A 184 -1.14 9.69 20.31
N GLY A 185 -0.22 9.88 19.37
CA GLY A 185 -0.32 9.25 18.04
C GLY A 185 -0.37 7.73 18.12
N TRP A 186 0.52 7.11 18.90
CA TRP A 186 0.55 5.66 19.03
C TRP A 186 -0.80 5.12 19.54
N ASP A 187 -1.30 5.72 20.64
CA ASP A 187 -2.60 5.35 21.18
C ASP A 187 -3.69 5.41 20.11
N ALA A 188 -3.69 6.52 19.37
CA ALA A 188 -4.71 6.73 18.34
C ALA A 188 -4.65 5.66 17.27
N VAL A 189 -3.44 5.39 16.77
CA VAL A 189 -3.30 4.38 15.74
C VAL A 189 -3.76 2.98 16.23
N ASN A 190 -3.29 2.57 17.41
CA ASN A 190 -3.66 1.26 17.91
C ASN A 190 -5.16 1.21 18.11
N ALA A 191 -5.80 2.31 18.47
CA ALA A 191 -7.27 2.22 18.66
C ALA A 191 -7.99 2.09 17.33
N MET A 192 -7.51 2.83 16.35
CA MET A 192 -8.18 2.77 15.07
C MET A 192 -7.97 1.40 14.47
N ASN A 193 -6.78 0.82 14.63
CA ASN A 193 -6.58 -0.50 14.09
C ASN A 193 -7.55 -1.53 14.74
N ALA A 194 -7.79 -1.42 16.04
CA ALA A 194 -8.63 -2.44 16.68
C ALA A 194 -10.08 -2.30 16.19
N VAL A 195 -10.50 -1.06 15.99
CA VAL A 195 -11.81 -0.82 15.45
C VAL A 195 -11.95 -1.44 14.07
N PHE A 196 -10.95 -1.24 13.21
CA PHE A 196 -11.00 -1.86 11.87
C PHE A 196 -11.17 -3.40 11.92
N LEU A 197 -10.29 -4.04 12.69
CA LEU A 197 -10.28 -5.51 12.84
C LEU A 197 -11.62 -6.05 13.37
N LYS A 198 -12.04 -5.53 14.53
CA LYS A 198 -13.38 -5.81 15.05
C LYS A 198 -14.46 -5.68 13.99
N THR A 199 -14.46 -4.58 13.23
CA THR A 199 -15.57 -4.30 12.31
C THR A 199 -15.67 -5.35 11.19
N VAL A 200 -14.52 -5.68 10.64
CA VAL A 200 -14.52 -6.58 9.51
C VAL A 200 -14.73 -8.03 10.00
N ARG A 201 -14.28 -8.34 11.23
CA ARG A 201 -14.35 -9.72 11.70
C ARG A 201 -15.78 -10.08 11.99
N SER A 202 -16.60 -9.06 12.22
CA SER A 202 -17.99 -9.29 12.63
C SER A 202 -18.95 -9.04 11.47
N ALA A 203 -18.39 -8.77 10.30
CA ALA A 203 -19.18 -8.53 9.08
C ALA A 203 -19.55 -9.89 8.45
N GLY A 204 -20.39 -9.88 7.41
CA GLY A 204 -20.98 -11.10 6.82
C GLY A 204 -20.08 -11.78 5.80
N GLY A 205 -20.59 -12.84 5.14
CA GLY A 205 -19.89 -13.55 4.06
C GLY A 205 -18.54 -14.10 4.49
N ASN A 206 -17.51 -13.96 3.67
CA ASN A 206 -16.14 -14.42 4.01
C ASN A 206 -15.30 -13.50 4.91
N ASN A 207 -15.82 -12.32 5.22
CA ASN A 207 -15.10 -11.35 6.04
C ASN A 207 -14.53 -11.86 7.37
N PRO A 208 -15.29 -12.72 8.09
CA PRO A 208 -14.68 -13.32 9.29
C PRO A 208 -13.40 -14.08 8.98
N LYS A 209 -13.21 -14.55 7.76
CA LYS A 209 -11.97 -15.25 7.43
C LYS A 209 -11.04 -14.42 6.51
N ARG A 210 -11.38 -13.15 6.25
CA ARG A 210 -10.58 -12.37 5.30
C ARG A 210 -9.27 -11.95 5.97
N HIS A 211 -8.18 -11.93 5.21
CA HIS A 211 -6.89 -11.46 5.74
C HIS A 211 -6.84 -9.94 5.80
N LEU A 212 -6.35 -9.40 6.93
CA LEU A 212 -6.43 -7.97 7.25
C LEU A 212 -5.04 -7.33 7.56
N MET A 213 -4.72 -6.21 6.90
CA MET A 213 -3.53 -5.43 7.16
C MET A 213 -3.77 -4.20 8.01
N ILE A 214 -2.88 -3.98 8.95
CA ILE A 214 -2.91 -2.85 9.88
C ILE A 214 -1.48 -2.30 9.98
N PRO A 215 -1.32 -0.97 9.92
CA PRO A 215 0.00 -0.32 9.89
C PRO A 215 0.34 0.15 11.30
N PRO A 216 1.64 0.22 11.62
CA PRO A 216 2.07 1.05 12.72
C PRO A 216 1.95 2.53 12.32
N TYR A 217 2.18 3.39 13.32
CA TYR A 217 2.12 4.83 13.18
C TYR A 217 2.84 5.19 11.87
N ALA A 218 2.20 6.04 11.04
CA ALA A 218 2.71 6.43 9.76
C ALA A 218 3.13 5.26 8.84
N ALA A 219 2.68 4.02 9.10
CA ALA A 219 3.27 2.84 8.48
C ALA A 219 4.79 2.96 8.40
N ALA A 220 5.42 3.61 9.38
CA ALA A 220 6.83 3.85 9.27
C ALA A 220 7.70 2.69 9.72
N CYS A 221 8.76 2.46 8.94
CA CYS A 221 9.81 1.55 9.28
C CYS A 221 10.72 2.30 10.23
N ASN A 222 10.37 2.22 11.50
CA ASN A 222 10.86 3.17 12.47
C ASN A 222 10.75 2.57 13.85
N GLU A 223 11.75 2.79 14.71
CA GLU A 223 11.76 2.20 16.08
C GLU A 223 10.63 2.72 16.95
N ASN A 224 10.40 4.03 16.91
CA ASN A 224 9.30 4.65 17.63
C ASN A 224 7.97 3.97 17.24
N SER A 225 7.72 3.80 15.96
CA SER A 225 6.48 3.17 15.52
C SER A 225 6.43 1.71 15.90
N PHE A 226 7.51 0.99 15.61
CA PHE A 226 7.59 -0.44 15.90
C PHE A 226 7.36 -0.70 17.38
N ASN A 227 8.03 0.04 18.26
CA ASN A 227 8.01 -0.32 19.66
C ASN A 227 6.69 -0.03 20.32
N ASN A 228 5.81 0.70 19.65
CA ASN A 228 4.57 1.09 20.30
C ASN A 228 3.37 0.58 19.51
N PHE A 229 3.68 -0.26 18.53
CA PHE A 229 2.68 -0.93 17.71
C PHE A 229 2.15 -2.14 18.42
N ILE A 230 0.86 -2.13 18.61
CA ILE A 230 0.14 -3.26 19.15
C ILE A 230 -0.38 -4.19 18.04
N PHE A 231 0.01 -5.46 18.13
CA PHE A 231 -0.45 -6.47 17.23
C PHE A 231 -1.29 -7.56 17.91
N PRO A 232 -2.48 -7.90 17.37
CA PRO A 232 -3.41 -8.90 17.93
C PRO A 232 -2.78 -10.23 18.36
N GLU A 233 -3.34 -10.83 19.41
CA GLU A 233 -3.02 -12.24 19.73
C GLU A 233 -4.13 -13.19 19.25
N ASP A 234 -3.73 -14.42 18.88
CA ASP A 234 -4.68 -15.42 18.35
C ASP A 234 -5.58 -14.89 17.21
N ASP A 235 -4.98 -14.12 16.30
CA ASP A 235 -5.60 -13.91 14.99
C ASP A 235 -4.57 -14.17 13.89
N ASP A 236 -4.58 -15.40 13.37
CA ASP A 236 -3.71 -15.92 12.28
C ASP A 236 -3.84 -15.21 10.91
N LYS A 237 -4.89 -14.42 10.74
CA LYS A 237 -5.20 -13.79 9.44
C LYS A 237 -5.02 -12.24 9.46
N VAL A 238 -4.12 -11.75 10.30
CA VAL A 238 -3.77 -10.32 10.31
C VAL A 238 -2.30 -10.11 9.88
N ILE A 239 -2.07 -9.03 9.14
CA ILE A 239 -0.75 -8.77 8.56
C ILE A 239 -0.35 -7.34 8.91
N ALA A 240 0.92 -7.18 9.28
CA ALA A 240 1.46 -5.87 9.55
C ALA A 240 1.79 -5.17 8.20
N SER A 241 1.33 -3.91 8.06
CA SER A 241 1.57 -3.12 6.87
C SER A 241 2.74 -2.12 7.11
N VAL A 242 3.88 -2.29 6.43
CA VAL A 242 4.97 -1.30 6.53
C VAL A 242 5.29 -0.67 5.17
N HIS A 243 5.65 0.62 5.16
CA HIS A 243 6.14 1.25 3.96
C HIS A 243 7.63 1.61 4.17
N ALA A 244 8.49 1.28 3.20
CA ALA A 244 9.88 1.58 3.50
C ALA A 244 10.66 2.00 2.27
N TYR A 245 10.61 3.29 1.96
CA TYR A 245 11.36 3.80 0.83
C TYR A 245 12.82 4.01 1.23
N ALA A 246 13.48 2.93 1.63
CA ALA A 246 14.86 3.00 2.11
C ALA A 246 15.79 2.62 0.93
N PRO A 247 17.04 3.12 0.94
CA PRO A 247 17.58 4.20 1.78
C PRO A 247 17.03 5.50 1.22
N TYR A 248 16.56 6.37 2.12
CA TYR A 248 15.70 7.45 1.75
C TYR A 248 16.35 8.44 0.80
N ASN A 249 17.68 8.47 0.90
CA ASN A 249 18.55 9.40 0.22
C ASN A 249 18.45 9.13 -1.23
N PHE A 250 18.62 7.85 -1.54
CA PHE A 250 18.60 7.31 -2.89
C PHE A 250 17.13 7.30 -3.41
N ALA A 251 16.21 6.86 -2.55
CA ALA A 251 14.86 6.44 -2.95
C ALA A 251 13.88 7.59 -3.05
N LEU A 252 13.80 8.43 -2.03
CA LEU A 252 12.67 9.33 -1.85
C LEU A 252 13.08 10.81 -1.67
N ASN A 253 14.28 11.06 -1.13
CA ASN A 253 14.77 12.44 -0.89
C ASN A 253 14.87 13.33 -2.13
N ASN A 254 14.09 14.43 -2.14
CA ASN A 254 14.30 15.46 -3.17
C ASN A 254 14.99 16.73 -2.70
N GLY A 255 15.43 16.77 -1.45
CA GLY A 255 16.17 17.92 -1.05
C GLY A 255 17.63 17.60 -0.92
N GLU A 256 18.20 18.21 0.10
CA GLU A 256 19.60 18.37 0.17
C GLU A 256 20.50 17.12 0.27
N GLY A 257 20.30 16.14 1.09
CA GLY A 257 21.31 15.05 0.87
C GLY A 257 21.01 13.91 -0.14
N ALA A 258 20.17 14.16 -1.14
CA ALA A 258 19.77 13.18 -2.13
C ALA A 258 20.98 12.60 -2.81
N VAL A 259 20.95 11.32 -3.20
CA VAL A 259 22.00 10.71 -4.04
C VAL A 259 21.35 9.95 -5.19
N ASP A 260 22.09 9.76 -6.27
CA ASP A 260 21.58 8.98 -7.39
C ASP A 260 22.36 7.72 -7.61
N LYS A 261 23.31 7.42 -6.73
CA LYS A 261 24.07 6.17 -6.74
C LYS A 261 23.62 5.30 -5.57
N PHE A 262 23.53 3.98 -5.77
CA PHE A 262 23.18 3.12 -4.63
C PHE A 262 24.58 2.80 -4.09
N ASP A 263 24.98 3.47 -3.02
CA ASP A 263 26.35 3.34 -2.52
C ASP A 263 26.38 2.55 -1.19
N ALA A 264 27.56 2.42 -0.62
CA ALA A 264 27.74 1.54 0.53
C ALA A 264 26.96 2.11 1.72
N ALA A 265 26.83 3.43 1.85
CA ALA A 265 26.00 3.93 2.90
C ALA A 265 24.52 3.61 2.64
N GLY A 266 24.12 3.70 1.37
CA GLY A 266 22.78 3.27 0.99
C GLY A 266 22.56 1.81 1.36
N LYS A 267 23.49 0.96 0.98
CA LYS A 267 23.36 -0.46 1.19
C LYS A 267 23.21 -0.76 2.70
N ARG A 268 23.99 -0.11 3.55
CA ARG A 268 23.95 -0.31 4.99
C ARG A 268 22.74 0.30 5.66
N ASP A 269 22.27 1.42 5.15
CA ASP A 269 21.00 1.97 5.68
C ASP A 269 19.83 0.98 5.33
N LEU A 270 19.87 0.38 4.14
CA LEU A 270 18.77 -0.50 3.75
C LEU A 270 18.80 -1.81 4.58
N GLU A 271 19.98 -2.43 4.65
CA GLU A 271 20.18 -3.57 5.59
C GLU A 271 19.66 -3.31 6.99
N TRP A 272 19.93 -2.14 7.53
CA TRP A 272 19.52 -1.85 8.88
C TRP A 272 17.97 -1.83 9.01
N ASN A 273 17.28 -1.12 8.11
CA ASN A 273 15.83 -1.13 8.06
C ASN A 273 15.24 -2.53 7.82
N ILE A 274 15.88 -3.33 6.99
CA ILE A 274 15.35 -4.68 6.74
C ILE A 274 15.48 -5.50 8.04
N ASN A 275 16.58 -5.34 8.75
CA ASN A 275 16.79 -5.97 10.04
C ASN A 275 15.80 -5.47 11.12
N LEU A 276 15.44 -4.21 11.06
CA LEU A 276 14.43 -3.77 12.01
C LEU A 276 13.09 -4.45 11.75
N MET A 277 12.67 -4.51 10.50
CA MET A 277 11.46 -5.27 10.14
C MET A 277 11.62 -6.73 10.59
N LYS A 278 12.77 -7.33 10.35
CA LYS A 278 12.96 -8.73 10.67
C LYS A 278 12.80 -8.93 12.18
N LYS A 279 13.43 -8.05 12.92
CA LYS A 279 13.36 -8.14 14.36
C LYS A 279 11.98 -7.93 14.96
N ARG A 280 11.19 -7.05 14.36
CA ARG A 280 9.92 -6.70 14.94
C ARG A 280 8.85 -7.69 14.55
N PHE A 281 8.94 -8.20 13.33
CA PHE A 281 7.85 -8.90 12.72
C PHE A 281 8.17 -10.37 12.50
N VAL A 282 8.96 -10.68 11.48
CA VAL A 282 9.39 -12.07 11.17
C VAL A 282 9.86 -12.88 12.41
N ASP A 283 10.83 -12.33 13.13
CA ASP A 283 11.38 -13.03 14.26
C ASP A 283 10.33 -13.15 15.40
N GLN A 284 9.21 -12.48 15.26
CA GLN A 284 8.22 -12.50 16.32
C GLN A 284 6.99 -13.28 15.84
N GLY A 285 7.12 -13.98 14.71
CA GLY A 285 6.04 -14.77 14.17
C GLY A 285 4.90 -13.93 13.58
N ILE A 286 5.15 -12.68 13.25
CA ILE A 286 4.07 -11.82 12.67
C ILE A 286 4.28 -11.68 11.15
N PRO A 287 3.28 -12.10 10.33
CA PRO A 287 3.33 -11.86 8.88
C PRO A 287 3.36 -10.36 8.61
N MET A 288 4.18 -9.92 7.66
CA MET A 288 4.14 -8.48 7.27
C MET A 288 4.21 -8.38 5.76
N ILE A 289 3.65 -7.28 5.23
CA ILE A 289 3.88 -6.96 3.83
C ILE A 289 4.41 -5.52 3.71
N LEU A 290 5.48 -5.36 2.94
CA LEU A 290 5.97 -4.04 2.54
C LEU A 290 5.00 -3.48 1.49
N GLY A 291 3.96 -2.83 1.97
CA GLY A 291 2.91 -2.37 1.07
C GLY A 291 3.31 -1.26 0.13
N GLU A 292 4.44 -0.58 0.41
CA GLU A 292 4.94 0.48 -0.49
C GLU A 292 6.45 0.56 -0.32
N TYR A 293 7.14 0.72 -1.45
CA TYR A 293 8.59 1.06 -1.47
C TYR A 293 8.85 1.49 -2.90
N GLY A 294 9.98 2.12 -3.19
CA GLY A 294 10.24 2.54 -4.57
C GLY A 294 11.52 3.33 -4.53
N ALA A 295 12.12 3.55 -5.70
CA ALA A 295 13.20 4.51 -5.86
C ALA A 295 12.89 5.40 -7.08
N MET A 296 12.92 6.69 -6.87
CA MET A 296 12.59 7.62 -7.94
C MET A 296 13.56 7.53 -9.08
N ASN A 297 13.00 7.84 -10.24
CA ASN A 297 13.78 7.96 -11.45
C ASN A 297 14.77 9.10 -11.32
N ARG A 298 16.05 8.81 -11.24
CA ARG A 298 16.96 9.94 -11.30
C ARG A 298 17.90 9.68 -12.47
N ASP A 299 17.37 9.29 -13.63
CA ASP A 299 18.23 8.99 -14.79
C ASP A 299 19.36 8.08 -14.34
N ASN A 300 19.00 7.01 -13.65
CA ASN A 300 19.97 6.17 -12.97
C ASN A 300 19.41 4.71 -12.90
N GLU A 301 18.90 4.23 -14.03
CA GLU A 301 18.25 2.95 -14.05
C GLU A 301 19.20 1.85 -13.59
N GLU A 302 20.47 1.93 -13.94
CA GLU A 302 21.41 0.91 -13.58
C GLU A 302 21.48 0.73 -12.06
N ASP A 303 21.63 1.84 -11.32
CA ASP A 303 21.69 1.78 -9.86
C ASP A 303 20.35 1.41 -9.26
N ARG A 304 19.25 1.82 -9.88
CA ARG A 304 17.97 1.34 -9.37
C ARG A 304 17.82 -0.14 -9.53
N ALA A 305 18.24 -0.67 -10.68
CA ALA A 305 18.30 -2.12 -10.88
C ALA A 305 19.09 -2.85 -9.77
N THR A 306 20.29 -2.36 -9.44
CA THR A 306 21.15 -3.04 -8.44
C THR A 306 20.41 -2.92 -7.09
N TRP A 307 19.89 -1.72 -6.78
CA TRP A 307 19.16 -1.52 -5.54
C TRP A 307 17.91 -2.42 -5.45
N ALA A 308 17.11 -2.47 -6.51
CA ALA A 308 15.89 -3.25 -6.55
C ALA A 308 16.18 -4.73 -6.33
N GLU A 309 17.22 -5.28 -6.94
CA GLU A 309 17.49 -6.72 -6.81
C GLU A 309 17.95 -7.05 -5.39
N PHE A 310 18.85 -6.20 -4.88
CA PHE A 310 19.26 -6.30 -3.50
C PHE A 310 18.14 -6.22 -2.47
N TYR A 311 17.25 -5.25 -2.59
CA TYR A 311 16.16 -5.10 -1.65
C TYR A 311 15.28 -6.35 -1.75
N MET A 312 14.92 -6.71 -2.99
CA MET A 312 14.07 -7.87 -3.20
C MET A 312 14.73 -9.16 -2.67
N GLU A 313 16.03 -9.42 -2.95
CA GLU A 313 16.68 -10.64 -2.42
C GLU A 313 16.48 -10.75 -0.94
N LYS A 314 16.71 -9.64 -0.22
CA LYS A 314 16.72 -9.62 1.25
C LYS A 314 15.36 -9.69 1.92
N VAL A 315 14.34 -9.03 1.39
CA VAL A 315 13.02 -9.32 1.95
C VAL A 315 12.54 -10.75 1.54
N THR A 316 12.99 -11.23 0.39
CA THR A 316 12.58 -12.55 -0.07
C THR A 316 13.25 -13.58 0.86
N ALA A 317 14.54 -13.35 1.15
CA ALA A 317 15.28 -14.21 2.08
C ALA A 317 14.58 -14.35 3.42
N MET A 318 13.63 -13.46 3.71
CA MET A 318 12.87 -13.56 4.95
C MET A 318 11.37 -13.72 4.75
N GLY A 319 10.93 -14.05 3.55
CA GLY A 319 9.52 -14.28 3.41
C GLY A 319 8.67 -13.03 3.55
N VAL A 320 9.19 -11.88 3.13
CA VAL A 320 8.37 -10.67 3.11
C VAL A 320 8.19 -10.19 1.69
N PRO A 321 6.93 -10.06 1.26
CA PRO A 321 6.74 -9.60 -0.14
C PRO A 321 6.73 -8.08 -0.17
N GLN A 322 7.07 -7.44 -1.30
CA GLN A 322 7.02 -5.99 -1.38
C GLN A 322 6.27 -5.55 -2.63
N ILE A 323 5.74 -4.33 -2.59
CA ILE A 323 4.80 -3.83 -3.62
C ILE A 323 5.32 -2.49 -4.06
N TRP A 324 5.75 -2.37 -5.31
CA TRP A 324 6.24 -1.12 -5.87
C TRP A 324 5.20 -0.05 -5.82
N TRP A 325 5.61 1.14 -5.39
CA TRP A 325 4.76 2.34 -5.44
C TRP A 325 4.85 3.02 -6.79
N ASP A 326 3.79 2.94 -7.60
CA ASP A 326 3.89 3.49 -8.96
C ASP A 326 2.87 4.63 -9.06
N ASN A 327 3.34 5.87 -9.11
CA ASN A 327 2.41 6.98 -9.06
C ASN A 327 2.11 7.50 -10.44
N GLY A 328 2.67 6.84 -11.45
CA GLY A 328 2.45 7.30 -12.80
C GLY A 328 3.35 8.45 -13.21
N VAL A 329 4.38 8.82 -12.45
CA VAL A 329 5.13 10.05 -12.75
C VAL A 329 6.57 9.69 -13.16
N PHE A 330 7.03 10.20 -14.28
CA PHE A 330 8.33 9.80 -14.79
C PHE A 330 9.32 10.95 -14.86
N GLU A 331 8.84 12.16 -15.10
CA GLU A 331 9.71 13.33 -15.31
C GLU A 331 9.29 14.48 -14.37
N GLY A 332 9.99 15.61 -14.40
CA GLY A 332 9.60 16.78 -13.60
C GLY A 332 10.23 16.72 -12.22
N THR A 333 9.87 17.65 -11.34
CA THR A 333 10.64 17.70 -10.09
C THR A 333 9.91 17.14 -8.90
N GLY A 334 8.68 16.66 -9.05
CA GLY A 334 8.06 15.89 -7.97
C GLY A 334 8.58 14.46 -7.83
N GLU A 335 7.83 13.56 -7.22
CA GLU A 335 8.26 12.17 -7.02
C GLU A 335 8.08 11.31 -8.26
N ARG A 336 9.15 10.74 -8.78
CA ARG A 336 9.08 10.08 -10.06
C ARG A 336 9.12 8.58 -9.86
N PHE A 337 7.97 8.01 -9.47
CA PHE A 337 7.94 6.58 -9.18
C PHE A 337 7.32 5.69 -10.28
N GLY A 338 7.13 6.23 -11.48
CA GLY A 338 6.51 5.45 -12.53
C GLY A 338 7.34 4.26 -12.93
N LEU A 339 6.66 3.18 -13.22
CA LEU A 339 7.32 1.99 -13.70
C LEU A 339 6.58 1.52 -14.94
N LEU A 340 5.25 1.40 -14.85
CA LEU A 340 4.43 1.04 -16.01
C LEU A 340 3.95 2.33 -16.70
N ASP A 341 4.14 2.43 -18.01
CA ASP A 341 3.49 3.50 -18.74
C ASP A 341 2.07 3.04 -19.05
N ARG A 342 1.12 3.60 -18.33
CA ARG A 342 -0.21 3.00 -18.36
C ARG A 342 -0.88 3.34 -19.69
N LYS A 343 -0.32 4.34 -20.38
CA LYS A 343 -0.98 4.80 -21.60
C LYS A 343 -0.60 3.92 -22.76
N ASN A 344 0.68 3.62 -22.92
CA ASN A 344 1.14 2.73 -23.98
C ASN A 344 1.31 1.30 -23.50
N LEU A 345 1.04 1.05 -22.23
CA LEU A 345 1.15 -0.32 -21.72
C LEU A 345 2.55 -0.90 -21.92
N LYS A 346 3.58 -0.15 -21.53
CA LYS A 346 4.98 -0.58 -21.57
C LYS A 346 5.65 -0.51 -20.20
N ILE A 347 6.52 -1.46 -19.92
CA ILE A 347 7.41 -1.30 -18.78
C ILE A 347 8.49 -0.32 -19.18
N VAL A 348 8.55 0.84 -18.51
CA VAL A 348 9.53 1.87 -18.87
C VAL A 348 10.96 1.56 -18.44
N TYR A 349 11.13 0.85 -17.33
CA TYR A 349 12.45 0.50 -16.75
C TYR A 349 12.56 -1.01 -16.62
N PRO A 350 12.86 -1.64 -17.75
CA PRO A 350 12.79 -3.08 -17.85
C PRO A 350 13.82 -3.74 -16.95
N THR A 351 15.00 -3.13 -16.79
CA THR A 351 15.98 -3.78 -15.92
C THR A 351 15.54 -3.74 -14.46
N ILE A 352 14.62 -2.86 -14.09
CA ILE A 352 14.07 -2.88 -12.73
C ILE A 352 13.08 -4.05 -12.50
N VAL A 353 12.15 -4.26 -13.44
CA VAL A 353 11.35 -5.49 -13.40
C VAL A 353 12.23 -6.75 -13.45
N ALA A 354 13.25 -6.79 -14.31
CA ALA A 354 14.17 -7.98 -14.32
C ALA A 354 14.74 -8.19 -12.91
N ALA A 355 15.11 -7.09 -12.27
CA ALA A 355 15.64 -7.14 -10.90
C ALA A 355 14.62 -7.66 -9.87
N LEU A 356 13.38 -7.22 -9.96
CA LEU A 356 12.37 -7.81 -9.09
C LEU A 356 12.23 -9.29 -9.30
N GLN A 357 12.15 -9.70 -10.58
CA GLN A 357 12.05 -11.13 -10.87
C GLN A 357 13.25 -11.89 -10.34
N LYS A 358 14.45 -11.42 -10.69
CA LYS A 358 15.62 -12.16 -10.26
C LYS A 358 15.72 -12.28 -8.71
N GLY A 359 15.54 -11.17 -8.01
CA GLY A 359 15.66 -11.17 -6.56
C GLY A 359 14.56 -11.96 -5.89
N ARG A 360 13.42 -12.14 -6.54
CA ARG A 360 12.34 -12.98 -5.98
C ARG A 360 12.66 -14.50 -6.14
N GLY A 361 13.65 -14.81 -6.99
CA GLY A 361 14.05 -16.20 -7.33
C GLY A 361 13.28 -16.76 -8.51
N LEU A 362 12.71 -15.87 -9.32
CA LEU A 362 11.93 -16.27 -10.47
C LEU A 362 12.84 -16.26 -11.69
N GLU A 363 12.31 -16.81 -12.78
CA GLU A 363 12.97 -16.71 -14.06
C GLU A 363 12.77 -15.30 -14.57
N VAL A 364 13.85 -14.72 -15.07
CA VAL A 364 13.78 -13.38 -15.57
C VAL A 364 13.17 -13.45 -16.97
N ASN A 365 12.15 -12.63 -17.16
CA ASN A 365 11.46 -12.57 -18.43
C ASN A 365 10.68 -11.29 -18.47
N VAL A 366 11.22 -10.23 -19.08
CA VAL A 366 10.55 -8.95 -19.04
C VAL A 366 9.69 -8.84 -20.30
N VAL A 367 8.39 -8.61 -20.07
CA VAL A 367 7.41 -8.60 -21.12
C VAL A 367 6.87 -7.14 -21.33
N HIS A 368 6.64 -6.73 -22.59
CA HIS A 368 6.19 -5.36 -22.90
C HIS A 368 7.22 -4.26 -22.61
N ALA A 369 8.50 -4.57 -22.78
CA ALA A 369 9.55 -3.59 -22.56
C ALA A 369 9.44 -2.52 -23.62
N ILE A 370 9.68 -1.29 -23.18
CA ILE A 370 9.72 -0.15 -24.01
C ILE A 370 10.88 -0.38 -24.95
N GLU A 371 10.80 0.26 -26.11
CA GLU A 371 11.88 0.26 -27.11
C GLU A 371 12.88 1.36 -26.76
#